data_5PA4
#
_entry.id   5PA4
#
_cell.length_a   49.676
_cell.length_b   54.204
_cell.length_c   81.426
_cell.angle_alpha   90.000
_cell.angle_beta   90.000
_cell.angle_gamma   90.000
#
_symmetry.space_group_name_H-M   'P 21 21 21'
#
loop_
_entity.id
_entity.type
_entity.pdbx_description
1 polymer 'Catechol O-methyltransferase'
2 non-polymer 'MAGNESIUM ION'
3 non-polymer S-ADENOSYL-L-HOMOCYSTEINE
4 non-polymer 6-(4-fluorophenyl)-8-oxidanyl-3~{H}-quinazolin-4-one
5 non-polymer 'SULFATE ION'
6 water water
#
_entity_poly.entity_id   1
_entity_poly.type   'polypeptide(L)'
_entity_poly.pdbx_seq_one_letter_code
;MGDTKEQRILRYVQQNAKPGDPQSVLEAIDTYCTQKEWAMNVGDAKGQIMDAVIREYSPSLVLELGAYCGYSAVRMARLL
QPGARLLTMEINPDCAAITQQMLNFAGLQDKVTILNGASQDLIPQLKKKYDVDTLDMVFLDHWKDRYLPDTLLLEKCGLL
RKGTVLLADNVIVPGTPDFLAYVRGSSSFECTHYSSYLEYMKVVDGLEKAIYQGPSSPDKS
;
_entity_poly.pdbx_strand_id   A
#
loop_
_chem_comp.id
_chem_comp.type
_chem_comp.name
_chem_comp.formula
7JD non-polymer 6-(4-fluorophenyl)-8-oxidanyl-3~{H}-quinazolin-4-one 'C14 H9 F N2 O2'
MG non-polymer 'MAGNESIUM ION' 'Mg 2'
SO4 non-polymer 'SULFATE ION' 'O4 S -2'
#
# COMPACT_ATOMS: atom_id res chain seq x y z
N ASP A 3 -5.31 12.31 22.38
CA ASP A 3 -6.07 12.24 21.10
C ASP A 3 -5.16 12.60 19.92
N THR A 4 -4.79 11.63 19.10
CA THR A 4 -3.99 11.93 17.91
C THR A 4 -4.92 12.00 16.71
N LYS A 5 -4.37 12.53 15.62
CA LYS A 5 -5.08 12.62 14.35
C LYS A 5 -5.56 11.26 13.89
N GLU A 6 -4.70 10.25 14.04
CA GLU A 6 -4.98 8.88 13.61
C GLU A 6 -6.15 8.26 14.40
N GLN A 7 -6.22 8.52 15.72
CA GLN A 7 -7.40 8.12 16.53
C GLN A 7 -8.68 8.84 16.11
N ARG A 8 -8.55 10.10 15.72
CA ARG A 8 -9.70 10.91 15.25
C ARG A 8 -10.25 10.42 13.90
N ILE A 9 -9.35 9.95 13.02
CA ILE A 9 -9.75 9.38 11.73
C ILE A 9 -10.54 8.07 11.95
N LEU A 10 -10.01 7.20 12.82
CA LEU A 10 -10.66 5.94 13.18
C LEU A 10 -12.03 6.22 13.79
N ARG A 11 -12.10 7.11 14.79
CA ARG A 11 -13.37 7.40 15.46
C ARG A 11 -14.40 7.98 14.47
N TYR A 12 -13.93 8.75 13.51
CA TYR A 12 -14.80 9.34 12.50
C TYR A 12 -15.40 8.24 11.64
N VAL A 13 -14.58 7.29 11.21
CA VAL A 13 -15.05 6.16 10.41
C VAL A 13 -16.08 5.35 11.23
N GLN A 14 -15.72 5.03 12.47
CA GLN A 14 -16.61 4.29 13.40
C GLN A 14 -17.99 4.98 13.54
N GLN A 15 -18.03 6.31 13.42
CA GLN A 15 -19.28 7.06 13.62
C GLN A 15 -19.94 7.52 12.33
N ASN A 16 -19.27 7.38 11.18
CA ASN A 16 -19.81 7.87 9.92
C ASN A 16 -19.79 6.89 8.76
N ALA A 17 -19.47 5.63 9.02
CA ALA A 17 -19.41 4.58 8.00
C ALA A 17 -20.23 3.39 8.48
N LYS A 18 -20.50 2.46 7.58
CA LYS A 18 -21.30 1.29 7.89
C LYS A 18 -20.38 0.11 8.13
N PRO A 19 -20.50 -0.56 9.29
CA PRO A 19 -19.70 -1.77 9.58
C PRO A 19 -19.79 -2.83 8.48
N GLY A 20 -18.66 -3.42 8.10
CA GLY A 20 -18.63 -4.34 6.99
C GLY A 20 -18.73 -3.77 5.58
N ASP A 21 -18.81 -2.44 5.41
CA ASP A 21 -18.91 -1.84 4.06
C ASP A 21 -17.62 -1.04 3.79
N PRO A 22 -16.62 -1.66 3.12
CA PRO A 22 -15.32 -1.03 2.93
C PRO A 22 -15.38 0.27 2.11
N GLN A 23 -16.32 0.33 1.18
CA GLN A 23 -16.58 1.53 0.41
C GLN A 23 -17.00 2.70 1.30
N SER A 24 -17.86 2.47 2.28
CA SER A 24 -18.28 3.59 3.13
C SER A 24 -17.11 4.04 4.04
N VAL A 25 -16.22 3.11 4.39
CA VAL A 25 -15.05 3.39 5.23
C VAL A 25 -14.10 4.34 4.48
N LEU A 26 -13.79 3.98 3.23
CA LEU A 26 -12.95 4.82 2.34
C LEU A 26 -13.54 6.22 2.14
N GLU A 27 -14.86 6.31 1.94
CA GLU A 27 -15.50 7.60 1.77
C GLU A 27 -15.41 8.49 3.02
N ALA A 28 -15.63 7.90 4.20
CA ALA A 28 -15.50 8.63 5.48
C ALA A 28 -14.04 9.15 5.71
N ILE A 29 -13.03 8.31 5.49
CA ILE A 29 -11.62 8.78 5.56
C ILE A 29 -11.37 9.94 4.58
N ASP A 30 -11.91 9.85 3.36
CA ASP A 30 -11.68 10.89 2.37
C ASP A 30 -12.38 12.20 2.73
N THR A 31 -13.61 12.10 3.23
CA THR A 31 -14.32 13.26 3.77
C THR A 31 -13.57 13.86 4.96
N TYR A 32 -13.20 13.05 5.94
CA TYR A 32 -12.47 13.60 7.10
C TYR A 32 -11.22 14.36 6.65
N CYS A 33 -10.45 13.77 5.75
CA CYS A 33 -9.15 14.32 5.35
C CYS A 33 -9.22 15.46 4.36
N THR A 34 -10.36 15.62 3.71
CA THR A 34 -10.63 16.74 2.84
C THR A 34 -11.18 17.91 3.66
N GLN A 35 -12.10 17.62 4.61
CA GLN A 35 -12.83 18.66 5.37
C GLN A 35 -12.15 19.04 6.67
N LYS A 36 -11.52 18.09 7.35
CA LYS A 36 -11.03 18.29 8.74
C LYS A 36 -9.50 18.38 8.85
N GLU A 37 -8.81 17.26 8.62
CA GLU A 37 -7.34 17.21 8.77
C GLU A 37 -6.72 16.36 7.68
N TRP A 38 -5.88 16.98 6.86
CA TRP A 38 -5.10 16.26 5.88
C TRP A 38 -4.35 15.07 6.53
N ALA A 39 -4.29 13.97 5.78
CA ALA A 39 -3.42 12.87 6.18
C ALA A 39 -2.84 12.15 4.96
N MET A 40 -1.79 11.40 5.21
CA MET A 40 -0.96 10.79 4.16
C MET A 40 -1.45 9.41 3.66
N ASN A 41 -2.77 9.23 3.64
CA ASN A 41 -3.47 8.14 2.91
C ASN A 41 -3.24 8.28 1.41
N VAL A 42 -3.20 7.17 0.68
CA VAL A 42 -2.99 7.27 -0.78
C VAL A 42 -4.06 8.16 -1.47
N GLY A 43 -5.27 8.22 -0.91
CA GLY A 43 -6.29 9.15 -1.41
C GLY A 43 -7.08 8.55 -2.55
N ASP A 44 -8.17 9.22 -2.91
CA ASP A 44 -9.05 8.76 -3.97
C ASP A 44 -8.45 8.88 -5.39
N ALA A 45 -7.73 9.96 -5.67
CA ALA A 45 -7.15 10.18 -7.02
C ALA A 45 -6.16 9.03 -7.36
N LYS A 46 -5.16 8.87 -6.52
CA LYS A 46 -4.18 7.79 -6.69
C LYS A 46 -4.78 6.40 -6.41
N GLY A 47 -5.73 6.32 -5.48
CA GLY A 47 -6.46 5.10 -5.17
C GLY A 47 -7.19 4.52 -6.36
N GLN A 48 -7.70 5.38 -7.25
CA GLN A 48 -8.41 4.90 -8.44
C GLN A 48 -7.46 4.21 -9.41
N ILE A 49 -6.23 4.71 -9.47
CA ILE A 49 -5.17 4.12 -10.29
C ILE A 49 -4.74 2.76 -9.67
N MET A 50 -4.54 2.73 -8.36
CA MET A 50 -4.31 1.48 -7.63
CA MET A 50 -4.30 1.49 -7.63
C MET A 50 -5.43 0.47 -7.88
N ASP A 51 -6.68 0.90 -7.73
CA ASP A 51 -7.83 0.02 -8.03
C ASP A 51 -7.73 -0.61 -9.45
N ALA A 52 -7.43 0.21 -10.44
CA ALA A 52 -7.29 -0.26 -11.82
C ALA A 52 -6.19 -1.33 -11.96
N VAL A 53 -5.08 -1.15 -11.24
CA VAL A 53 -3.92 -2.05 -11.33
C VAL A 53 -4.23 -3.37 -10.64
N ILE A 54 -4.88 -3.29 -9.50
CA ILE A 54 -5.30 -4.48 -8.78
C ILE A 54 -6.32 -5.31 -9.57
N ARG A 55 -7.25 -4.64 -10.25
CA ARG A 55 -8.22 -5.34 -11.08
CA ARG A 55 -8.22 -5.34 -11.09
C ARG A 55 -7.53 -6.00 -12.29
N GLU A 56 -6.48 -5.38 -12.80
CA GLU A 56 -5.78 -5.96 -13.94
C GLU A 56 -5.07 -7.27 -13.62
N TYR A 57 -4.38 -7.31 -12.49
CA TYR A 57 -3.49 -8.41 -12.16
C TYR A 57 -4.12 -9.43 -11.21
N SER A 58 -5.24 -9.05 -10.58
CA SER A 58 -5.90 -9.90 -9.59
CA SER A 58 -5.90 -9.89 -9.58
C SER A 58 -4.91 -10.70 -8.73
N PRO A 59 -4.08 -9.99 -7.91
CA PRO A 59 -3.05 -10.67 -7.13
C PRO A 59 -3.58 -11.61 -6.00
N SER A 60 -2.94 -12.75 -5.89
CA SER A 60 -3.24 -13.68 -4.80
C SER A 60 -2.52 -13.30 -3.52
N LEU A 61 -1.31 -12.77 -3.62
CA LEU A 61 -0.55 -12.35 -2.44
C LEU A 61 0.06 -10.96 -2.68
N VAL A 62 -0.43 -9.98 -1.91
CA VAL A 62 0.06 -8.62 -1.99
C VAL A 62 0.84 -8.32 -0.69
N LEU A 63 1.96 -7.60 -0.84
CA LEU A 63 2.68 -7.00 0.29
C LEU A 63 2.59 -5.49 0.22
N GLU A 64 2.12 -4.87 1.31
CA GLU A 64 2.09 -3.41 1.44
C GLU A 64 3.17 -3.00 2.45
N LEU A 65 3.99 -2.02 2.07
CA LEU A 65 4.97 -1.47 3.02
C LEU A 65 4.45 -0.13 3.45
N GLY A 66 4.07 -0.03 4.74
CA GLY A 66 3.44 1.18 5.29
C GLY A 66 1.91 1.13 5.38
N ALA A 67 1.39 0.83 6.56
CA ALA A 67 -0.07 0.73 6.73
C ALA A 67 -0.76 2.04 7.18
N TYR A 68 -0.12 2.80 8.08
CA TYR A 68 -0.73 4.01 8.69
C TYR A 68 -2.11 3.79 9.37
N CYS A 69 -3.19 4.31 8.78
CA CYS A 69 -4.55 4.13 9.29
C CYS A 69 -5.34 2.99 8.64
N GLY A 70 -4.72 2.31 7.68
CA GLY A 70 -5.37 1.22 6.98
C GLY A 70 -6.11 1.56 5.70
N TYR A 71 -6.00 2.80 5.22
CA TYR A 71 -6.76 3.24 4.07
C TYR A 71 -6.46 2.40 2.82
N SER A 72 -5.19 2.33 2.44
CA SER A 72 -4.79 1.55 1.27
C SER A 72 -5.02 0.05 1.48
N ALA A 73 -4.97 -0.42 2.73
CA ALA A 73 -5.22 -1.84 3.02
C ALA A 73 -6.68 -2.22 2.76
N VAL A 74 -7.62 -1.39 3.18
CA VAL A 74 -9.06 -1.53 2.88
C VAL A 74 -9.30 -1.45 1.38
N ARG A 75 -8.64 -0.46 0.76
CA ARG A 75 -8.74 -0.20 -0.66
C ARG A 75 -8.33 -1.38 -1.54
N MET A 76 -7.19 -1.98 -1.23
CA MET A 76 -6.71 -3.16 -1.98
C MET A 76 -7.45 -4.42 -1.56
N ALA A 77 -7.65 -4.56 -0.25
CA ALA A 77 -8.26 -5.79 0.29
C ALA A 77 -9.69 -6.01 -0.19
N ARG A 78 -10.44 -4.93 -0.43
CA ARG A 78 -11.85 -5.04 -0.87
C ARG A 78 -11.97 -5.50 -2.34
N LEU A 79 -10.87 -5.47 -3.09
CA LEU A 79 -10.83 -5.94 -4.46
C LEU A 79 -10.15 -7.32 -4.64
N LEU A 80 -9.46 -7.81 -3.62
CA LEU A 80 -8.87 -9.16 -3.66
C LEU A 80 -9.92 -10.28 -3.81
N GLN A 81 -9.53 -11.33 -4.50
CA GLN A 81 -10.38 -12.48 -4.79
C GLN A 81 -10.56 -13.29 -3.49
N PRO A 82 -11.66 -14.06 -3.39
CA PRO A 82 -11.79 -14.96 -2.24
C PRO A 82 -10.52 -15.82 -2.05
N GLY A 83 -9.96 -15.81 -0.84
CA GLY A 83 -8.74 -16.57 -0.52
C GLY A 83 -7.42 -15.84 -0.78
N ALA A 84 -7.47 -14.71 -1.48
CA ALA A 84 -6.28 -13.92 -1.72
C ALA A 84 -5.95 -13.13 -0.45
N ARG A 85 -4.67 -12.80 -0.27
CA ARG A 85 -4.18 -12.24 0.99
C ARG A 85 -3.33 -10.97 0.81
N LEU A 86 -3.42 -10.09 1.79
CA LEU A 86 -2.57 -8.94 1.89
C LEU A 86 -1.78 -9.04 3.19
N LEU A 87 -0.49 -8.74 3.10
CA LEU A 87 0.36 -8.62 4.26
C LEU A 87 0.78 -7.15 4.30
N THR A 88 0.60 -6.48 5.43
CA THR A 88 1.00 -5.08 5.53
C THR A 88 1.94 -4.90 6.71
N MET A 89 3.03 -4.18 6.46
CA MET A 89 4.11 -3.96 7.43
C MET A 89 4.03 -2.52 7.93
N GLU A 90 4.04 -2.38 9.25
CA GLU A 90 3.92 -1.06 9.88
C GLU A 90 4.87 -0.95 11.07
N ILE A 91 5.76 0.05 11.00
CA ILE A 91 6.81 0.19 12.03
C ILE A 91 6.26 0.80 13.34
N ASN A 92 5.22 1.61 13.24
CA ASN A 92 4.66 2.30 14.40
C ASN A 92 3.52 1.50 15.01
N PRO A 93 3.66 1.07 16.28
CA PRO A 93 2.61 0.19 16.84
C PRO A 93 1.25 0.86 17.02
N ASP A 94 1.22 2.19 17.24
CA ASP A 94 -0.07 2.93 17.39
C ASP A 94 -0.83 2.83 16.08
N CYS A 95 -0.11 3.01 14.98
CA CYS A 95 -0.66 2.91 13.64
C CYS A 95 -1.06 1.48 13.33
N ALA A 96 -0.21 0.55 13.73
CA ALA A 96 -0.55 -0.88 13.57
C ALA A 96 -1.94 -1.12 14.18
N ALA A 97 -2.16 -0.61 15.39
CA ALA A 97 -3.40 -0.84 16.14
C ALA A 97 -4.60 -0.13 15.52
N ILE A 98 -4.39 1.06 14.96
CA ILE A 98 -5.43 1.79 14.24
C ILE A 98 -5.80 1.04 12.95
N THR A 99 -4.80 0.54 12.26
CA THR A 99 -5.02 -0.24 11.05
C THR A 99 -5.77 -1.54 11.33
N GLN A 100 -5.43 -2.23 12.41
CA GLN A 100 -6.17 -3.44 12.75
C GLN A 100 -7.65 -3.13 13.00
N GLN A 101 -7.93 -2.09 13.77
CA GLN A 101 -9.31 -1.71 14.07
C GLN A 101 -10.07 -1.21 12.85
N MET A 102 -9.41 -0.44 12.00
CA MET A 102 -9.97 -0.04 10.70
C MET A 102 -10.43 -1.26 9.87
N LEU A 103 -9.55 -2.24 9.70
CA LEU A 103 -9.83 -3.48 8.95
C LEU A 103 -10.96 -4.33 9.57
N ASN A 104 -10.94 -4.41 10.90
CA ASN A 104 -12.00 -5.06 11.65
C ASN A 104 -13.37 -4.42 11.36
N PHE A 105 -13.44 -3.09 11.42
CA PHE A 105 -14.68 -2.35 11.14
C PHE A 105 -15.20 -2.52 9.69
N ALA A 106 -14.28 -2.49 8.72
CA ALA A 106 -14.57 -2.74 7.29
C ALA A 106 -14.93 -4.21 7.01
N GLY A 107 -14.64 -5.08 7.97
CA GLY A 107 -14.94 -6.50 7.87
C GLY A 107 -13.96 -7.24 6.99
N LEU A 108 -12.77 -6.68 6.81
CA LEU A 108 -11.75 -7.26 5.91
C LEU A 108 -10.59 -7.97 6.65
N GLN A 109 -10.73 -8.13 7.96
CA GLN A 109 -9.65 -8.62 8.80
C GLN A 109 -9.19 -10.04 8.43
N ASP A 110 -10.06 -10.84 7.84
CA ASP A 110 -9.69 -12.23 7.46
C ASP A 110 -8.83 -12.27 6.19
N LYS A 111 -8.67 -11.14 5.51
CA LYS A 111 -7.85 -11.06 4.28
C LYS A 111 -6.48 -10.42 4.51
N VAL A 112 -6.31 -9.79 5.67
CA VAL A 112 -5.15 -8.96 5.95
C VAL A 112 -4.48 -9.38 7.24
N THR A 113 -3.14 -9.45 7.22
CA THR A 113 -2.30 -9.62 8.39
C THR A 113 -1.39 -8.40 8.46
N ILE A 114 -1.42 -7.70 9.59
CA ILE A 114 -0.56 -6.53 9.82
C ILE A 114 0.67 -7.04 10.56
N LEU A 115 1.85 -6.77 10.01
CA LEU A 115 3.13 -7.21 10.59
C LEU A 115 3.74 -6.02 11.28
N ASN A 116 4.12 -6.18 12.54
CA ASN A 116 4.71 -5.07 13.29
C ASN A 116 6.19 -5.06 13.13
N GLY A 117 6.71 -3.96 12.64
CA GLY A 117 8.14 -3.80 12.59
C GLY A 117 8.56 -3.10 11.33
N ALA A 118 9.84 -2.76 11.30
CA ALA A 118 10.51 -2.21 10.17
C ALA A 118 10.47 -3.23 9.02
N SER A 119 10.14 -2.77 7.83
CA SER A 119 10.15 -3.61 6.61
C SER A 119 11.51 -4.32 6.43
N GLN A 120 12.58 -3.59 6.67
CA GLN A 120 13.92 -4.12 6.51
C GLN A 120 14.24 -5.27 7.50
N ASP A 121 13.49 -5.36 8.59
CA ASP A 121 13.62 -6.46 9.55
C ASP A 121 12.67 -7.61 9.22
N LEU A 122 11.48 -7.30 8.69
CA LEU A 122 10.46 -8.33 8.42
C LEU A 122 10.57 -9.03 7.04
N ILE A 123 11.02 -8.30 6.01
CA ILE A 123 11.18 -8.88 4.66
C ILE A 123 11.98 -10.19 4.71
N PRO A 124 13.18 -10.18 5.34
CA PRO A 124 13.96 -11.43 5.52
C PRO A 124 13.28 -12.56 6.31
N GLN A 125 12.21 -12.27 7.04
CA GLN A 125 11.42 -13.29 7.78
C GLN A 125 10.24 -13.89 7.00
N LEU A 126 9.83 -13.27 5.89
CA LEU A 126 8.63 -13.70 5.13
C LEU A 126 8.60 -15.19 4.70
N LYS A 127 9.72 -15.74 4.24
CA LYS A 127 9.75 -17.11 3.73
C LYS A 127 9.55 -18.15 4.83
N LYS A 128 10.34 -18.02 5.89
CA LYS A 128 10.31 -18.96 7.01
C LYS A 128 9.24 -18.67 8.05
N LYS A 129 9.21 -17.44 8.58
CA LYS A 129 8.24 -17.12 9.64
C LYS A 129 6.79 -16.99 9.13
N TYR A 130 6.61 -16.52 7.89
CA TYR A 130 5.26 -16.24 7.38
C TYR A 130 4.83 -17.12 6.19
N ASP A 131 5.62 -18.16 5.86
CA ASP A 131 5.21 -19.16 4.87
C ASP A 131 5.01 -18.58 3.43
N VAL A 132 5.80 -17.57 3.06
CA VAL A 132 5.66 -16.92 1.74
C VAL A 132 6.62 -17.56 0.75
N ASP A 133 6.12 -17.82 -0.46
CA ASP A 133 6.98 -18.29 -1.54
C ASP A 133 7.50 -17.07 -2.33
N THR A 134 6.67 -16.54 -3.23
CA THR A 134 6.94 -15.24 -3.86
C THR A 134 5.71 -14.32 -3.81
N LEU A 135 5.94 -13.05 -4.10
CA LEU A 135 4.88 -12.05 -4.04
C LEU A 135 4.33 -11.83 -5.44
N ASP A 136 3.03 -11.54 -5.53
CA ASP A 136 2.42 -11.15 -6.81
C ASP A 136 2.51 -9.65 -7.01
N MET A 137 2.44 -8.92 -5.92
CA MET A 137 2.41 -7.47 -5.96
C MET A 137 2.96 -6.90 -4.65
N VAL A 138 3.64 -5.77 -4.79
CA VAL A 138 4.18 -5.02 -3.66
C VAL A 138 3.75 -3.55 -3.85
N PHE A 139 3.12 -2.99 -2.81
CA PHE A 139 2.79 -1.57 -2.73
C PHE A 139 3.77 -0.90 -1.78
N LEU A 140 4.61 -0.02 -2.33
CA LEU A 140 5.63 0.68 -1.56
C LEU A 140 5.10 2.08 -1.27
N ASP A 141 4.91 2.33 0.02
CA ASP A 141 4.31 3.56 0.51
C ASP A 141 4.69 3.77 1.98
N HIS A 142 5.92 3.46 2.35
CA HIS A 142 6.39 3.62 3.73
C HIS A 142 7.23 4.89 3.93
N TRP A 143 8.52 4.80 3.69
CA TRP A 143 9.41 5.96 3.71
C TRP A 143 10.24 5.99 2.41
N LYS A 144 10.29 7.16 1.76
CA LYS A 144 11.00 7.32 0.49
C LYS A 144 12.42 6.70 0.44
N ASP A 145 13.21 6.87 1.52
CA ASP A 145 14.62 6.41 1.51
C ASP A 145 14.75 4.89 1.59
N ARG A 146 13.66 4.20 1.91
CA ARG A 146 13.62 2.74 1.96
C ARG A 146 13.21 2.07 0.66
N TYR A 147 12.67 2.82 -0.31
CA TYR A 147 12.11 2.21 -1.53
C TYR A 147 13.13 1.35 -2.28
N LEU A 148 14.28 1.92 -2.60
CA LEU A 148 15.32 1.17 -3.31
C LEU A 148 15.98 0.08 -2.45
N PRO A 149 16.49 0.41 -1.25
CA PRO A 149 17.02 -0.71 -0.47
C PRO A 149 16.03 -1.88 -0.18
N ASP A 150 14.74 -1.59 0.00
CA ASP A 150 13.73 -2.64 0.22
C ASP A 150 13.41 -3.46 -1.06
N THR A 151 13.40 -2.80 -2.22
CA THR A 151 13.28 -3.46 -3.51
C THR A 151 14.46 -4.44 -3.71
N LEU A 152 15.67 -3.97 -3.45
CA LEU A 152 16.87 -4.80 -3.57
C LEU A 152 16.86 -5.97 -2.57
N LEU A 153 16.37 -5.73 -1.35
CA LEU A 153 16.24 -6.75 -0.32
C LEU A 153 15.19 -7.80 -0.69
N LEU A 154 14.06 -7.37 -1.22
CA LEU A 154 13.05 -8.31 -1.73
C LEU A 154 13.59 -9.25 -2.82
N GLU A 155 14.41 -8.70 -3.71
CA GLU A 155 15.06 -9.49 -4.76
C GLU A 155 16.03 -10.49 -4.14
N LYS A 156 16.92 -10.00 -3.28
CA LYS A 156 17.89 -10.86 -2.58
C LYS A 156 17.21 -12.05 -1.87
N CYS A 157 16.10 -11.77 -1.21
CA CYS A 157 15.38 -12.79 -0.43
C CYS A 157 14.56 -13.77 -1.29
N GLY A 158 14.64 -13.64 -2.61
CA GLY A 158 13.93 -14.52 -3.53
C GLY A 158 12.41 -14.32 -3.54
N LEU A 159 11.93 -13.16 -3.10
CA LEU A 159 10.49 -12.92 -2.96
C LEU A 159 9.84 -12.36 -4.24
N LEU A 160 10.67 -11.94 -5.21
CA LEU A 160 10.20 -11.47 -6.51
C LEU A 160 10.26 -12.60 -7.56
N ARG A 161 9.21 -12.69 -8.37
CA ARG A 161 9.21 -13.63 -9.51
C ARG A 161 8.98 -12.83 -10.78
N LYS A 162 9.11 -13.47 -11.94
CA LYS A 162 8.82 -12.80 -13.21
C LYS A 162 7.35 -12.37 -13.22
N GLY A 163 7.10 -11.07 -13.37
CA GLY A 163 5.74 -10.54 -13.43
C GLY A 163 5.29 -9.89 -12.13
N THR A 164 6.07 -10.03 -11.07
CA THR A 164 5.75 -9.34 -9.82
C THR A 164 5.69 -7.82 -10.05
N VAL A 165 4.56 -7.25 -9.63
CA VAL A 165 4.19 -5.86 -9.87
C VAL A 165 4.54 -5.08 -8.62
N LEU A 166 5.49 -4.16 -8.77
CA LEU A 166 5.80 -3.19 -7.74
C LEU A 166 5.07 -1.89 -8.12
N LEU A 167 4.32 -1.37 -7.15
CA LEU A 167 3.61 -0.11 -7.31
C LEU A 167 4.05 0.84 -6.19
N ALA A 168 4.64 1.97 -6.57
CA ALA A 168 5.25 2.87 -5.60
C ALA A 168 4.47 4.17 -5.54
N ASP A 169 4.05 4.57 -4.34
CA ASP A 169 3.39 5.83 -4.16
C ASP A 169 4.45 6.94 -4.05
N ASN A 170 4.06 8.17 -4.36
CA ASN A 170 4.87 9.38 -4.00
C ASN A 170 6.21 9.45 -4.69
N VAL A 171 6.31 8.89 -5.88
CA VAL A 171 7.56 8.96 -6.64
C VAL A 171 7.91 10.39 -7.09
N ILE A 172 6.94 11.30 -7.00
CA ILE A 172 7.14 12.75 -7.28
C ILE A 172 7.19 13.62 -6.00
N VAL A 173 6.17 13.51 -5.12
CA VAL A 173 6.22 14.13 -3.78
C VAL A 173 5.80 13.14 -2.67
N PRO A 174 6.63 12.94 -1.61
CA PRO A 174 7.94 13.62 -1.42
C PRO A 174 9.04 13.30 -2.45
N GLY A 175 8.85 12.25 -3.25
CA GLY A 175 9.79 11.93 -4.33
C GLY A 175 10.74 10.83 -3.91
N THR A 176 10.97 9.90 -4.83
CA THR A 176 11.97 8.82 -4.63
C THR A 176 12.98 8.75 -5.82
N PRO A 177 13.92 9.71 -5.89
CA PRO A 177 14.80 9.86 -7.07
C PRO A 177 15.72 8.68 -7.37
N ASP A 178 16.31 8.08 -6.33
CA ASP A 178 17.24 6.92 -6.51
C ASP A 178 16.48 5.69 -6.97
N PHE A 179 15.32 5.43 -6.36
CA PHE A 179 14.46 4.34 -6.73
C PHE A 179 14.02 4.42 -8.19
N LEU A 180 13.59 5.61 -8.62
CA LEU A 180 13.11 5.86 -9.98
C LEU A 180 14.25 5.69 -10.98
N ALA A 181 15.42 6.27 -10.66
CA ALA A 181 16.59 6.18 -11.56
C ALA A 181 16.94 4.70 -11.68
N TYR A 182 16.93 3.98 -10.57
CA TYR A 182 17.26 2.57 -10.61
C TYR A 182 16.33 1.68 -11.46
N VAL A 183 15.05 1.61 -11.10
CA VAL A 183 14.11 0.71 -11.79
C VAL A 183 13.96 1.09 -13.28
N ARG A 184 14.02 2.38 -13.58
CA ARG A 184 13.91 2.86 -14.96
C ARG A 184 15.15 2.55 -15.79
N GLY A 185 16.33 2.48 -15.17
CA GLY A 185 17.56 2.14 -15.89
C GLY A 185 17.85 0.65 -15.90
N SER A 186 17.08 -0.14 -15.14
CA SER A 186 17.34 -1.56 -14.94
C SER A 186 16.56 -2.43 -15.92
N SER A 187 17.27 -3.32 -16.61
CA SER A 187 16.60 -4.29 -17.49
C SER A 187 15.84 -5.39 -16.73
N SER A 188 15.95 -5.42 -15.40
CA SER A 188 15.11 -6.28 -14.54
C SER A 188 13.68 -5.70 -14.28
N PHE A 189 13.40 -4.48 -14.72
CA PHE A 189 12.07 -3.89 -14.53
C PHE A 189 11.55 -3.27 -15.82
N GLU A 190 10.26 -3.44 -16.06
CA GLU A 190 9.49 -2.68 -17.07
C GLU A 190 8.71 -1.64 -16.31
N CYS A 191 9.01 -0.35 -16.52
CA CYS A 191 8.39 0.72 -15.73
C CYS A 191 7.36 1.57 -16.50
N THR A 192 6.34 2.04 -15.78
CA THR A 192 5.28 2.90 -16.30
C THR A 192 5.03 3.96 -15.23
N HIS A 193 4.97 5.24 -15.63
CA HIS A 193 4.59 6.31 -14.71
C HIS A 193 3.10 6.70 -14.89
N TYR A 194 2.40 6.84 -13.76
CA TYR A 194 0.98 7.23 -13.69
C TYR A 194 0.88 8.57 -12.96
N SER A 195 0.88 9.65 -13.73
CA SER A 195 0.82 10.99 -13.17
CA SER A 195 0.81 10.99 -13.17
C SER A 195 -0.56 11.24 -12.55
N SER A 196 -0.54 11.91 -11.40
CA SER A 196 -1.75 12.14 -10.65
C SER A 196 -1.59 13.32 -9.69
N TYR A 197 -2.24 13.23 -8.53
CA TYR A 197 -2.22 14.29 -7.54
C TYR A 197 -1.95 13.77 -6.15
N LEU A 198 -1.22 14.57 -5.37
CA LEU A 198 -1.02 14.28 -3.95
C LEU A 198 -2.41 14.22 -3.35
N GLU A 199 -2.61 13.23 -2.48
CA GLU A 199 -3.87 13.02 -1.79
C GLU A 199 -4.40 14.32 -1.22
N TYR A 200 -5.66 14.63 -1.57
CA TYR A 200 -6.42 15.75 -1.00
C TYR A 200 -5.83 17.11 -1.34
N MET A 201 -4.94 17.20 -2.32
CA MET A 201 -4.26 18.47 -2.64
CA MET A 201 -4.28 18.48 -2.64
C MET A 201 -4.17 18.70 -4.15
N LYS A 202 -4.03 19.95 -4.55
CA LYS A 202 -3.82 20.30 -5.97
C LYS A 202 -2.31 20.46 -6.21
N VAL A 203 -1.65 19.33 -6.06
CA VAL A 203 -0.19 19.22 -6.12
C VAL A 203 0.04 17.96 -6.90
N VAL A 204 0.85 18.04 -7.97
CA VAL A 204 1.20 16.87 -8.80
C VAL A 204 2.01 15.84 -8.03
N ASP A 205 1.59 14.58 -8.14
CA ASP A 205 2.35 13.44 -7.68
C ASP A 205 2.15 12.32 -8.72
N GLY A 206 2.61 11.12 -8.39
CA GLY A 206 2.31 9.99 -9.23
C GLY A 206 2.77 8.71 -8.59
N LEU A 207 2.39 7.61 -9.23
CA LEU A 207 2.74 6.24 -8.85
C LEU A 207 3.64 5.67 -9.94
N GLU A 208 4.65 4.91 -9.56
CA GLU A 208 5.45 4.17 -10.56
C GLU A 208 5.09 2.70 -10.49
N LYS A 209 4.75 2.12 -11.65
CA LYS A 209 4.60 0.67 -11.76
C LYS A 209 5.90 0.14 -12.37
N ALA A 210 6.52 -0.82 -11.69
CA ALA A 210 7.73 -1.49 -12.18
C ALA A 210 7.44 -2.98 -12.09
N ILE A 211 7.42 -3.66 -13.23
CA ILE A 211 7.20 -5.10 -13.28
C ILE A 211 8.55 -5.82 -13.36
N TYR A 212 8.81 -6.70 -12.39
CA TYR A 212 10.04 -7.47 -12.33
C TYR A 212 10.13 -8.48 -13.47
N GLN A 213 11.27 -8.47 -14.16
CA GLN A 213 11.49 -9.34 -15.32
C GLN A 213 12.47 -10.47 -15.07
N GLY A 214 13.10 -10.52 -13.90
CA GLY A 214 14.03 -11.61 -13.57
C GLY A 214 15.45 -11.12 -13.36
N PRO A 215 16.36 -12.00 -12.87
CA PRO A 215 17.77 -11.66 -12.57
C PRO A 215 18.51 -10.85 -13.63
MG MG B . 2.02 7.69 0.22
N SAH C . -0.11 2.97 2.75
CA SAH C . -0.86 3.92 3.66
CB SAH C . -0.05 5.16 4.00
CG SAH C . 1.24 4.79 4.73
SD SAH C . 1.88 6.27 5.41
C SAH C . -2.15 4.40 3.03
O SAH C . -3.20 4.40 3.69
OXT SAH C . -2.21 4.82 1.88
C5' SAH C . 3.54 5.84 5.87
C4' SAH C . 3.58 4.74 6.94
O4' SAH C . 4.76 3.90 6.79
C3' SAH C . 3.59 5.25 8.38
O3' SAH C . 2.51 4.63 9.10
C2' SAH C . 4.95 4.80 8.96
O2' SAH C . 4.84 4.43 10.32
C1' SAH C . 5.32 3.60 8.09
N9 SAH C . 6.77 3.30 7.95
C8 SAH C . 7.79 4.20 7.76
N7 SAH C . 8.97 3.57 7.63
C5 SAH C . 8.69 2.23 7.72
C6 SAH C . 9.47 0.98 7.67
N6 SAH C . 10.80 1.01 7.50
N1 SAH C . 8.80 -0.18 7.84
C2 SAH C . 7.48 -0.26 7.99
N3 SAH C . 6.70 0.84 8.05
C4 SAH C . 7.25 2.08 7.93
C4 7JD D . 2.45 10.38 1.36
C5 7JD D . 3.74 13.83 2.37
C6 7JD D . 3.99 14.46 3.62
C7 7JD D . 4.13 15.86 3.67
C8 7JD D . 3.99 16.58 2.48
C10 7JD D . 3.60 14.60 1.23
C13 7JD D . 4.31 10.10 2.92
C1 7JD D . 4.43 11.51 3.00
C2 7JD D . 3.59 12.35 2.28
C3 7JD D . 2.62 11.79 1.45
C9 7JD D . 3.73 15.97 1.26
F11 7JD D . 4.11 17.89 2.48
O12 7JD D . 1.53 9.87 0.60
C14 7JD D . 3.33 9.54 2.11
N15 7JD D . 3.21 8.17 2.01
C16 7JD D . 4.00 7.37 2.70
N17 7JD D . 4.99 7.86 3.60
C18 7JD D . 5.22 9.25 3.66
O19 7JD D . 6.18 9.67 4.32
S SO4 E . -11.82 -15.09 1.81
O1 SO4 E . -13.18 -14.77 1.29
O2 SO4 E . -11.61 -14.35 3.08
O3 SO4 E . -11.69 -16.57 1.98
O4 SO4 E . -10.82 -14.59 0.83
#